data_7BCY
#
_entry.id   7BCY
#
_cell.length_a   46.313
_cell.length_b   53.171
_cell.length_c   65.124
_cell.angle_alpha   72.579
_cell.angle_beta   89.749
_cell.angle_gamma   73.156
#
_symmetry.space_group_name_H-M   'P 1'
#
loop_
_entity.id
_entity.type
_entity.pdbx_description
1 polymer 'WD repeat-containing protein 5'
2 polymer 'ORF 73'
3 water water
#
loop_
_entity_poly.entity_id
_entity_poly.type
_entity_poly.pdbx_seq_one_letter_code
_entity_poly.pdbx_strand_id
1 'polypeptide(L)'
;GPGYQSKPTPVKPNYALKFTLAGHTKAVSSVKFSPNGEWLASSSADKLIKIWGAYDGKFEKTISGHKLGISDVAWSSDSN
LLVSASDDKTLKIWDVSSGKCLKTLKGHSNYVFCCNFNPQSNLIVSGSFDESVRIWDVKTGKCLKTLPAHSDPVSAVHFN
RDGSLIVSSSYDGLCRIWDTASGQCLKTLIDDDNPPVSFVKFSPNGKYILAATLDNTLKLWDYSKGKCLKTYTGHKNEKY
CIFANFSVTGGKWIVSGSEDNLVYIWNLQTKEIVQKLQGHTDVVISTACHPTENIIASAALENDKTIKLWKSDC
;
A,B
2 'polypeptide(L)' (ACE)CRKRNRSPER(NH2) P,Q
#
loop_
_chem_comp.id
_chem_comp.type
_chem_comp.name
_chem_comp.formula
ACE non-polymer 'ACETYL GROUP' 'C2 H4 O'
NH2 non-polymer 'AMINO GROUP' 'H2 N'
#
# COMPACT_ATOMS: atom_id res chain seq x y z
N VAL A 11 2.24 -18.49 -41.05
CA VAL A 11 3.51 -18.60 -40.35
C VAL A 11 3.87 -17.29 -39.67
N LYS A 12 3.89 -16.20 -40.45
CA LYS A 12 4.21 -14.87 -39.93
C LYS A 12 3.21 -13.85 -40.44
N PRO A 13 2.85 -12.86 -39.62
CA PRO A 13 1.96 -11.80 -40.09
C PRO A 13 2.72 -10.79 -40.93
N ASN A 14 1.97 -9.89 -41.54
CA ASN A 14 2.55 -8.81 -42.33
C ASN A 14 1.89 -7.49 -42.01
N TYR A 15 1.81 -7.17 -40.72
CA TYR A 15 1.28 -5.89 -40.27
C TYR A 15 2.02 -4.75 -40.96
N ALA A 16 1.25 -3.83 -41.51
CA ALA A 16 1.75 -2.59 -42.09
C ALA A 16 0.94 -1.41 -41.58
N LEU A 17 1.60 -0.28 -41.47
CA LEU A 17 0.96 0.92 -40.96
C LEU A 17 -0.13 1.41 -41.92
N LYS A 18 -1.33 1.60 -41.40
CA LYS A 18 -2.39 2.18 -42.21
C LYS A 18 -2.83 3.58 -41.80
N PHE A 19 -2.76 3.94 -40.51
CA PHE A 19 -3.22 5.25 -40.07
C PHE A 19 -2.44 5.67 -38.83
N THR A 20 -2.10 6.96 -38.74
CA THR A 20 -1.59 7.59 -37.53
C THR A 20 -2.63 8.58 -37.03
N LEU A 21 -2.98 8.46 -35.74
CA LEU A 21 -4.02 9.23 -35.09
C LEU A 21 -3.37 10.22 -34.13
N ALA A 22 -3.38 11.50 -34.51
CA ALA A 22 -2.86 12.60 -33.71
C ALA A 22 -3.99 13.39 -33.06
N GLY A 23 -3.69 13.93 -31.88
CA GLY A 23 -4.64 14.77 -31.21
C GLY A 23 -4.44 14.87 -29.71
N HIS A 24 -3.95 13.83 -29.06
CA HIS A 24 -3.57 14.01 -27.67
C HIS A 24 -2.42 14.99 -27.58
N THR A 25 -2.35 15.71 -26.45
CA THR A 25 -1.31 16.71 -26.31
C THR A 25 -0.25 16.30 -25.29
N LYS A 26 -0.44 15.18 -24.60
CA LYS A 26 0.60 14.54 -23.83
C LYS A 26 0.62 13.06 -24.18
N ALA A 27 1.53 12.32 -23.53
CA ALA A 27 1.67 10.87 -23.71
C ALA A 27 0.31 10.19 -23.78
N VAL A 28 0.15 9.23 -24.64
CA VAL A 28 -1.05 8.38 -24.63
C VAL A 28 -0.70 7.21 -23.68
N SER A 29 -1.62 6.82 -22.84
CA SER A 29 -1.37 5.79 -21.82
C SER A 29 -1.99 4.45 -22.16
N SER A 30 -3.11 4.44 -22.87
CA SER A 30 -3.84 3.19 -23.11
C SER A 30 -4.73 3.30 -24.34
N VAL A 31 -4.72 2.30 -25.21
CA VAL A 31 -5.67 2.22 -26.32
C VAL A 31 -6.43 0.90 -26.13
N LYS A 32 -7.73 0.90 -26.39
CA LYS A 32 -8.56 -0.32 -26.30
C LYS A 32 -9.62 -0.33 -27.42
N PHE A 33 -9.85 -1.47 -28.04
CA PHE A 33 -10.90 -1.55 -29.08
C PHE A 33 -12.23 -1.88 -28.41
N SER A 34 -13.31 -1.29 -28.88
CA SER A 34 -14.60 -1.71 -28.34
C SER A 34 -14.94 -3.16 -28.72
N PRO A 35 -15.63 -3.89 -27.84
CA PRO A 35 -16.00 -5.28 -28.17
C PRO A 35 -16.70 -5.46 -29.50
N ASN A 36 -17.52 -4.50 -29.92
CA ASN A 36 -18.20 -4.63 -31.21
C ASN A 36 -17.34 -4.23 -32.39
N GLY A 37 -16.06 -3.89 -32.14
CA GLY A 37 -15.09 -3.59 -33.16
C GLY A 37 -15.16 -2.24 -33.83
N GLU A 38 -16.17 -1.45 -33.49
CA GLU A 38 -16.37 -0.24 -34.25
C GLU A 38 -15.40 0.88 -33.87
N TRP A 39 -14.93 0.92 -32.62
CA TRP A 39 -14.22 2.06 -32.09
C TRP A 39 -12.90 1.68 -31.43
N LEU A 40 -11.99 2.66 -31.36
CA LEU A 40 -10.81 2.60 -30.52
C LEU A 40 -10.95 3.74 -29.53
N ALA A 41 -10.78 3.44 -28.23
CA ALA A 41 -10.71 4.46 -27.21
C ALA A 41 -9.25 4.63 -26.82
N SER A 42 -8.83 5.87 -26.61
CA SER A 42 -7.48 6.18 -26.12
C SER A 42 -7.61 7.05 -24.86
N SER A 43 -6.72 6.86 -23.91
CA SER A 43 -6.62 7.72 -22.73
C SER A 43 -5.24 8.34 -22.75
N SER A 44 -5.07 9.45 -22.06
CA SER A 44 -3.79 10.14 -22.08
C SER A 44 -3.52 10.86 -20.75
N ALA A 45 -2.26 11.27 -20.59
CA ALA A 45 -1.86 12.17 -19.53
C ALA A 45 -2.43 13.58 -19.72
N ASP A 46 -2.95 13.92 -20.90
CA ASP A 46 -3.61 15.20 -21.13
C ASP A 46 -5.02 15.27 -20.54
N LYS A 47 -5.44 14.28 -19.73
CA LYS A 47 -6.70 14.27 -18.97
C LYS A 47 -7.89 13.89 -19.85
N LEU A 48 -7.65 13.48 -21.07
CA LEU A 48 -8.74 13.29 -22.04
C LEU A 48 -8.87 11.85 -22.48
N ILE A 49 -10.08 11.46 -22.86
CA ILE A 49 -10.32 10.18 -23.55
C ILE A 49 -10.74 10.53 -24.98
N LYS A 50 -10.19 9.86 -25.99
CA LYS A 50 -10.61 10.14 -27.38
C LYS A 50 -11.17 8.84 -27.98
N ILE A 51 -12.23 8.96 -28.80
CA ILE A 51 -12.87 7.86 -29.50
C ILE A 51 -12.55 8.03 -30.98
N TRP A 52 -12.09 6.95 -31.62
CA TRP A 52 -11.69 6.93 -33.02
C TRP A 52 -12.32 5.75 -33.74
N GLY A 53 -12.61 5.91 -35.04
CA GLY A 53 -13.12 4.77 -35.78
C GLY A 53 -12.03 3.73 -35.96
N ALA A 54 -12.37 2.49 -35.63
CA ALA A 54 -11.36 1.44 -35.58
C ALA A 54 -10.79 1.07 -36.96
N TYR A 55 -11.56 1.27 -38.02
CA TYR A 55 -11.15 0.83 -39.34
C TYR A 55 -10.56 1.93 -40.22
N ASP A 56 -10.88 3.20 -39.95
CA ASP A 56 -10.35 4.31 -40.74
C ASP A 56 -9.61 5.35 -39.90
N GLY A 57 -9.44 5.13 -38.61
CA GLY A 57 -8.87 6.14 -37.73
C GLY A 57 -9.63 7.46 -37.61
N LYS A 58 -10.90 7.50 -38.03
CA LYS A 58 -11.66 8.76 -38.02
C LYS A 58 -11.94 9.24 -36.58
N PHE A 59 -11.48 10.45 -36.24
CA PHE A 59 -11.77 11.02 -34.93
C PHE A 59 -13.28 11.21 -34.72
N GLU A 60 -13.80 10.72 -33.59
CA GLU A 60 -15.22 10.80 -33.28
C GLU A 60 -15.53 11.82 -32.20
N LYS A 61 -14.86 11.72 -31.05
CA LYS A 61 -15.15 12.68 -30.00
C LYS A 61 -14.08 12.65 -28.93
N THR A 62 -14.05 13.73 -28.17
CA THR A 62 -13.26 13.85 -26.96
C THR A 62 -14.18 13.79 -25.75
N ILE A 63 -13.77 13.02 -24.74
CA ILE A 63 -14.51 12.87 -23.49
C ILE A 63 -13.64 13.46 -22.37
N SER A 64 -14.18 14.43 -21.63
CA SER A 64 -13.42 15.23 -20.68
C SER A 64 -14.13 15.24 -19.34
N GLY A 65 -13.38 15.50 -18.27
CA GLY A 65 -13.91 15.63 -16.90
C GLY A 65 -12.92 15.29 -15.82
N HIS A 66 -11.95 14.44 -16.07
CA HIS A 66 -10.94 14.13 -15.06
C HIS A 66 -10.10 15.38 -14.79
N LYS A 67 -9.66 15.55 -13.57
CA LYS A 67 -8.89 16.73 -13.19
C LYS A 67 -7.39 16.54 -13.39
N LEU A 68 -6.93 15.32 -13.56
CA LEU A 68 -5.53 15.00 -13.77
C LEU A 68 -5.49 13.91 -14.82
N GLY A 69 -4.31 13.55 -15.29
CA GLY A 69 -4.15 12.59 -16.37
C GLY A 69 -4.76 11.23 -16.10
N ILE A 70 -4.89 10.49 -17.18
CA ILE A 70 -5.52 9.17 -17.16
C ILE A 70 -4.49 8.10 -17.53
N SER A 71 -4.44 7.00 -16.80
CA SER A 71 -3.50 5.90 -17.07
C SER A 71 -4.19 4.72 -17.77
N ASP A 72 -5.49 4.61 -17.72
CA ASP A 72 -6.14 3.45 -18.37
C ASP A 72 -7.58 3.80 -18.71
N VAL A 73 -8.10 3.10 -19.70
CA VAL A 73 -9.52 3.18 -20.11
C VAL A 73 -9.95 1.76 -20.48
N ALA A 74 -11.21 1.40 -20.24
CA ALA A 74 -11.74 0.06 -20.55
C ALA A 74 -13.21 0.16 -20.99
N TRP A 75 -13.63 -0.76 -21.85
CA TRP A 75 -15.00 -0.80 -22.40
C TRP A 75 -15.86 -1.82 -21.62
N SER A 76 -17.13 -1.52 -21.49
CA SER A 76 -18.10 -2.51 -21.08
C SER A 76 -18.39 -3.49 -22.21
N SER A 77 -18.97 -4.64 -21.82
CA SER A 77 -19.21 -5.76 -22.72
C SER A 77 -20.04 -5.36 -23.92
N ASP A 78 -21.03 -4.48 -23.71
CA ASP A 78 -21.94 -4.09 -24.77
C ASP A 78 -21.44 -2.88 -25.57
N SER A 79 -20.20 -2.43 -25.36
CA SER A 79 -19.59 -1.31 -26.07
C SER A 79 -20.27 0.02 -25.79
N ASN A 80 -21.11 0.12 -24.76
CA ASN A 80 -21.84 1.35 -24.53
C ASN A 80 -21.21 2.22 -23.46
N LEU A 81 -20.38 1.66 -22.57
CA LEU A 81 -19.74 2.43 -21.50
C LEU A 81 -18.22 2.31 -21.54
N LEU A 82 -17.57 3.29 -20.94
CA LEU A 82 -16.13 3.29 -20.70
C LEU A 82 -15.91 3.51 -19.22
N VAL A 83 -14.78 3.06 -18.74
CA VAL A 83 -14.32 3.41 -17.39
C VAL A 83 -12.87 3.90 -17.55
N SER A 84 -12.50 4.95 -16.83
CA SER A 84 -11.13 5.55 -16.89
C SER A 84 -10.56 5.59 -15.48
N ALA A 85 -9.24 5.44 -15.37
CA ALA A 85 -8.50 5.45 -14.09
C ALA A 85 -7.57 6.67 -14.12
N SER A 86 -7.69 7.56 -13.15
CA SER A 86 -6.93 8.81 -13.19
C SER A 86 -6.01 9.00 -11.98
N ASP A 87 -5.09 9.94 -12.18
CA ASP A 87 -4.20 10.47 -11.12
C ASP A 87 -5.02 11.38 -10.21
N ASP A 88 -6.29 11.72 -10.53
CA ASP A 88 -7.12 12.52 -9.62
C ASP A 88 -7.76 11.64 -8.54
N LYS A 89 -7.41 10.36 -8.39
CA LYS A 89 -7.74 9.37 -7.35
C LYS A 89 -9.13 8.82 -7.63
N THR A 90 -9.69 9.09 -8.79
CA THR A 90 -11.03 8.59 -9.09
C THR A 90 -11.03 7.77 -10.38
N LEU A 91 -12.06 6.95 -10.48
CA LEU A 91 -12.45 6.39 -11.77
C LEU A 91 -13.73 7.10 -12.21
N LYS A 92 -13.97 7.14 -13.49
CA LYS A 92 -15.17 7.73 -14.05
C LYS A 92 -15.82 6.74 -15.00
N ILE A 93 -17.14 6.61 -14.93
CA ILE A 93 -17.91 5.74 -15.84
C ILE A 93 -18.55 6.66 -16.87
N TRP A 94 -18.40 6.38 -18.14
CA TRP A 94 -18.89 7.31 -19.16
C TRP A 94 -19.91 6.65 -20.07
N ASP A 95 -20.92 7.39 -20.49
CA ASP A 95 -21.82 6.93 -21.55
C ASP A 95 -21.06 7.30 -22.83
N VAL A 96 -20.68 6.34 -23.66
CA VAL A 96 -19.89 6.68 -24.84
C VAL A 96 -20.70 7.51 -25.84
N SER A 97 -22.00 7.25 -25.95
CA SER A 97 -22.83 7.94 -26.94
C SER A 97 -22.91 9.43 -26.65
N SER A 98 -23.19 9.77 -25.40
CA SER A 98 -23.35 11.17 -25.01
C SER A 98 -22.06 11.81 -24.51
N GLY A 99 -21.05 11.02 -24.17
CA GLY A 99 -19.84 11.54 -23.56
C GLY A 99 -19.98 11.95 -22.12
N LYS A 100 -21.14 11.72 -21.51
CA LYS A 100 -21.38 12.23 -20.17
C LYS A 100 -20.81 11.29 -19.13
N CYS A 101 -20.33 11.90 -18.04
CA CYS A 101 -19.89 11.14 -16.88
C CYS A 101 -21.12 10.66 -16.12
N LEU A 102 -21.29 9.35 -16.00
CA LEU A 102 -22.43 8.81 -15.32
C LEU A 102 -22.18 8.68 -13.82
N LYS A 103 -20.97 8.29 -13.45
CA LYS A 103 -20.59 8.09 -12.06
C LYS A 103 -19.13 8.42 -11.90
N THR A 104 -18.76 8.90 -10.71
CA THR A 104 -17.38 9.08 -10.29
C THR A 104 -17.14 8.16 -9.09
N LEU A 105 -16.18 7.26 -9.23
CA LEU A 105 -15.86 6.24 -8.23
C LEU A 105 -14.75 6.78 -7.33
N LYS A 106 -15.12 7.14 -6.11
CA LYS A 106 -14.25 7.73 -5.12
C LYS A 106 -13.95 6.73 -4.02
N GLY A 107 -12.69 6.71 -3.59
CA GLY A 107 -12.26 5.81 -2.53
C GLY A 107 -10.78 5.56 -2.46
N HIS A 108 -10.14 5.35 -3.61
CA HIS A 108 -8.69 5.24 -3.64
C HIS A 108 -8.06 6.50 -3.06
N SER A 109 -6.91 6.33 -2.42
CA SER A 109 -6.19 7.46 -1.80
C SER A 109 -4.95 7.89 -2.57
N ASN A 110 -4.75 7.39 -3.78
CA ASN A 110 -3.62 7.75 -4.61
C ASN A 110 -4.04 7.44 -6.05
N TYR A 111 -3.12 7.67 -6.98
CA TYR A 111 -3.39 7.56 -8.40
C TYR A 111 -4.06 6.23 -8.71
N VAL A 112 -5.12 6.25 -9.53
CA VAL A 112 -5.75 5.01 -10.01
C VAL A 112 -5.02 4.68 -11.32
N PHE A 113 -4.46 3.50 -11.45
CA PHE A 113 -3.59 3.13 -12.57
C PHE A 113 -4.20 2.20 -13.61
N CYS A 114 -5.14 1.36 -13.21
CA CYS A 114 -5.62 0.30 -14.11
C CYS A 114 -7.07 -0.02 -13.78
N CYS A 115 -7.81 -0.44 -14.79
CA CYS A 115 -9.24 -0.71 -14.62
C CYS A 115 -9.80 -1.66 -15.66
N ASN A 116 -10.91 -2.28 -15.30
CA ASN A 116 -11.57 -3.22 -16.23
C ASN A 116 -12.99 -3.51 -15.75
N PHE A 117 -13.91 -3.64 -16.70
CA PHE A 117 -15.20 -4.25 -16.45
C PHE A 117 -15.07 -5.77 -16.40
N ASN A 118 -16.01 -6.42 -15.71
CA ASN A 118 -16.20 -7.87 -15.82
C ASN A 118 -17.06 -8.17 -17.03
N PRO A 119 -17.14 -9.44 -17.44
CA PRO A 119 -17.95 -9.74 -18.65
C PRO A 119 -19.41 -9.37 -18.50
N GLN A 120 -19.97 -9.53 -17.30
CA GLN A 120 -21.34 -9.11 -17.05
C GLN A 120 -21.50 -7.61 -17.17
N SER A 121 -20.39 -6.90 -16.89
CA SER A 121 -20.29 -5.44 -16.86
C SER A 121 -21.20 -4.84 -15.79
N ASN A 122 -21.42 -5.61 -14.71
CA ASN A 122 -22.02 -5.06 -13.50
C ASN A 122 -20.98 -4.61 -12.48
N LEU A 123 -19.72 -4.96 -12.68
CA LEU A 123 -18.63 -4.64 -11.76
C LEU A 123 -17.50 -4.00 -12.55
N ILE A 124 -16.78 -3.12 -11.86
CA ILE A 124 -15.48 -2.61 -12.28
C ILE A 124 -14.45 -3.01 -11.23
N VAL A 125 -13.28 -3.43 -11.71
CA VAL A 125 -12.11 -3.62 -10.87
C VAL A 125 -11.06 -2.55 -11.18
N SER A 126 -10.42 -2.09 -10.12
CA SER A 126 -9.42 -1.04 -10.23
C SER A 126 -8.21 -1.36 -9.37
N GLY A 127 -7.08 -0.80 -9.80
CA GLY A 127 -5.85 -0.92 -9.06
C GLY A 127 -5.20 0.45 -8.98
N SER A 128 -4.49 0.69 -7.87
CA SER A 128 -4.00 2.02 -7.55
C SER A 128 -2.59 2.01 -6.96
N PHE A 129 -1.99 3.20 -7.02
CA PHE A 129 -0.77 3.47 -6.29
C PHE A 129 -0.95 3.30 -4.79
N ASP A 130 -2.20 3.26 -4.31
CA ASP A 130 -2.41 3.09 -2.87
C ASP A 130 -2.30 1.62 -2.44
N GLU A 131 -1.92 0.75 -3.36
CA GLU A 131 -1.55 -0.66 -3.16
C GLU A 131 -2.76 -1.56 -3.04
N SER A 132 -3.96 -1.01 -3.21
CA SER A 132 -5.19 -1.79 -3.12
C SER A 132 -5.79 -2.04 -4.49
N VAL A 133 -6.66 -3.05 -4.50
CA VAL A 133 -7.58 -3.38 -5.59
C VAL A 133 -8.99 -3.13 -5.05
N ARG A 134 -9.76 -2.37 -5.79
CA ARG A 134 -11.15 -2.13 -5.42
C ARG A 134 -12.09 -2.71 -6.46
N ILE A 135 -13.24 -3.16 -5.97
CA ILE A 135 -14.32 -3.75 -6.76
C ILE A 135 -15.54 -2.86 -6.59
N TRP A 136 -16.10 -2.39 -7.70
CA TRP A 136 -17.14 -1.37 -7.68
C TRP A 136 -18.41 -1.82 -8.37
N ASP A 137 -19.54 -1.30 -7.87
CA ASP A 137 -20.83 -1.53 -8.49
C ASP A 137 -21.01 -0.49 -9.59
N VAL A 138 -21.21 -0.95 -10.82
CA VAL A 138 -21.39 -0.05 -11.95
C VAL A 138 -22.66 0.79 -11.78
N LYS A 139 -23.75 0.16 -11.38
CA LYS A 139 -25.04 0.86 -11.40
C LYS A 139 -25.07 1.98 -10.38
N THR A 140 -24.53 1.74 -9.20
CA THR A 140 -24.58 2.73 -8.12
C THR A 140 -23.30 3.55 -8.00
N GLY A 141 -22.18 3.04 -8.50
CA GLY A 141 -20.90 3.67 -8.27
C GLY A 141 -20.27 3.43 -6.92
N LYS A 142 -20.87 2.59 -6.08
CA LYS A 142 -20.33 2.39 -4.75
C LYS A 142 -19.23 1.32 -4.77
N CYS A 143 -18.28 1.50 -3.85
CA CYS A 143 -17.21 0.54 -3.67
C CYS A 143 -17.78 -0.65 -2.92
N LEU A 144 -17.81 -1.80 -3.57
CA LEU A 144 -18.26 -2.99 -2.87
C LEU A 144 -17.18 -3.57 -1.97
N LYS A 145 -15.92 -3.61 -2.42
N LYS A 145 -15.92 -3.60 -2.42
CA LYS A 145 -14.87 -4.28 -1.68
CA LYS A 145 -14.87 -4.29 -1.68
C LYS A 145 -13.53 -3.59 -1.91
C LYS A 145 -13.54 -3.58 -1.91
N THR A 146 -12.74 -3.50 -0.85
CA THR A 146 -11.35 -3.04 -0.94
C THR A 146 -10.44 -4.19 -0.53
N LEU A 147 -9.57 -4.60 -1.42
CA LEU A 147 -8.61 -5.68 -1.20
C LEU A 147 -7.25 -5.11 -0.89
N PRO A 148 -6.62 -5.51 0.24
CA PRO A 148 -5.22 -5.12 0.51
C PRO A 148 -4.26 -6.02 -0.26
N ALA A 149 -4.28 -5.80 -1.56
CA ALA A 149 -3.80 -6.81 -2.48
C ALA A 149 -2.29 -6.86 -2.59
N HIS A 150 -1.60 -5.73 -2.39
CA HIS A 150 -0.18 -5.65 -2.66
C HIS A 150 0.48 -4.67 -1.70
N SER A 151 1.81 -4.59 -1.79
CA SER A 151 2.62 -3.73 -0.94
C SER A 151 3.39 -2.68 -1.75
N ASP A 152 2.93 -2.43 -2.97
CA ASP A 152 3.46 -1.41 -3.86
C ASP A 152 2.36 -1.14 -4.89
N PRO A 153 2.54 -0.15 -5.78
CA PRO A 153 1.44 0.16 -6.71
C PRO A 153 1.01 -1.04 -7.54
N VAL A 154 -0.29 -1.07 -7.82
CA VAL A 154 -0.93 -2.14 -8.56
C VAL A 154 -0.88 -1.78 -10.03
N SER A 155 -0.16 -2.60 -10.81
CA SER A 155 0.07 -2.28 -12.22
C SER A 155 -1.04 -2.74 -13.16
N ALA A 156 -1.84 -3.75 -12.82
CA ALA A 156 -2.84 -4.27 -13.74
C ALA A 156 -3.84 -5.12 -12.97
N VAL A 157 -5.10 -5.09 -13.47
CA VAL A 157 -6.22 -5.82 -12.93
C VAL A 157 -7.06 -6.30 -14.12
N HIS A 158 -7.59 -7.53 -14.02
CA HIS A 158 -8.27 -8.13 -15.16
C HIS A 158 -9.23 -9.22 -14.68
N PHE A 159 -10.42 -9.30 -15.29
CA PHE A 159 -11.31 -10.38 -14.95
C PHE A 159 -11.11 -11.51 -15.93
N ASN A 160 -11.40 -12.74 -15.47
CA ASN A 160 -11.42 -13.90 -16.36
C ASN A 160 -12.76 -13.96 -17.10
N ARG A 161 -12.92 -14.96 -17.97
CA ARG A 161 -14.02 -14.90 -18.93
C ARG A 161 -15.39 -15.12 -18.30
N ASP A 162 -15.50 -15.83 -17.18
CA ASP A 162 -16.80 -15.93 -16.51
C ASP A 162 -16.95 -14.94 -15.36
N GLY A 163 -15.96 -14.07 -15.13
CA GLY A 163 -16.07 -13.07 -14.10
C GLY A 163 -15.76 -13.54 -12.69
N SER A 164 -15.51 -14.82 -12.50
CA SER A 164 -15.37 -15.36 -11.15
C SER A 164 -14.00 -15.05 -10.55
N LEU A 165 -13.02 -14.66 -11.36
CA LEU A 165 -11.66 -14.40 -10.90
C LEU A 165 -11.18 -13.03 -11.35
N ILE A 166 -10.30 -12.44 -10.54
CA ILE A 166 -9.55 -11.24 -10.87
C ILE A 166 -8.07 -11.58 -10.74
N VAL A 167 -7.26 -11.22 -11.71
CA VAL A 167 -5.80 -11.30 -11.60
C VAL A 167 -5.29 -9.87 -11.41
N SER A 168 -4.37 -9.69 -10.45
CA SER A 168 -3.68 -8.42 -10.24
C SER A 168 -2.18 -8.61 -10.27
N SER A 169 -1.47 -7.53 -10.58
CA SER A 169 -0.02 -7.53 -10.58
C SER A 169 0.47 -6.26 -9.92
N SER A 170 1.71 -6.29 -9.43
CA SER A 170 2.25 -5.14 -8.72
C SER A 170 3.76 -5.02 -8.84
N TYR A 171 4.24 -3.80 -8.61
CA TYR A 171 5.66 -3.52 -8.42
C TYR A 171 6.27 -4.28 -7.25
N ASP A 172 5.44 -4.84 -6.36
CA ASP A 172 5.96 -5.65 -5.26
C ASP A 172 6.47 -7.01 -5.73
N GLY A 173 6.29 -7.36 -7.02
CA GLY A 173 6.82 -8.61 -7.54
C GLY A 173 5.81 -9.74 -7.59
N LEU A 174 4.59 -9.49 -7.19
CA LEU A 174 3.59 -10.55 -7.08
C LEU A 174 2.53 -10.41 -8.15
N CYS A 175 2.07 -11.58 -8.60
CA CYS A 175 0.83 -11.77 -9.32
CA CYS A 175 0.82 -11.75 -9.32
C CYS A 175 -0.10 -12.56 -8.43
N ARG A 176 -1.29 -12.03 -8.18
CA ARG A 176 -2.29 -12.73 -7.37
C ARG A 176 -3.60 -12.89 -8.12
N ILE A 177 -4.26 -14.00 -7.81
CA ILE A 177 -5.58 -14.35 -8.31
C ILE A 177 -6.57 -14.23 -7.16
N TRP A 178 -7.68 -13.53 -7.39
CA TRP A 178 -8.66 -13.23 -6.37
C TRP A 178 -10.02 -13.79 -6.76
N ASP A 179 -10.73 -14.33 -5.77
CA ASP A 179 -12.13 -14.68 -5.93
C ASP A 179 -12.99 -13.41 -5.95
N THR A 180 -13.63 -13.15 -7.08
CA THR A 180 -14.44 -11.94 -7.21
C THR A 180 -15.50 -11.85 -6.13
N ALA A 181 -16.27 -12.91 -5.92
CA ALA A 181 -17.43 -12.82 -5.01
C ALA A 181 -17.01 -12.53 -3.58
N SER A 182 -15.90 -13.10 -3.12
CA SER A 182 -15.48 -12.99 -1.74
C SER A 182 -14.29 -12.05 -1.55
N GLY A 183 -13.62 -11.67 -2.64
CA GLY A 183 -12.46 -10.83 -2.52
C GLY A 183 -11.25 -11.45 -1.86
N GLN A 184 -11.24 -12.77 -1.63
CA GLN A 184 -10.16 -13.46 -0.97
C GLN A 184 -9.18 -14.04 -1.98
N CYS A 185 -7.92 -14.17 -1.58
CA CYS A 185 -6.88 -14.65 -2.47
C CYS A 185 -6.93 -16.15 -2.68
N LEU A 186 -6.93 -16.58 -3.95
CA LEU A 186 -6.92 -17.99 -4.35
C LEU A 186 -5.51 -18.50 -4.54
N LYS A 187 -4.63 -17.68 -5.14
CA LYS A 187 -3.27 -18.08 -5.46
C LYS A 187 -2.37 -16.85 -5.53
N THR A 188 -1.13 -16.98 -5.04
CA THR A 188 -0.08 -16.05 -5.33
C THR A 188 0.96 -16.77 -6.19
N LEU A 189 1.43 -16.12 -7.24
CA LEU A 189 2.45 -16.77 -8.08
C LEU A 189 3.86 -16.48 -7.56
N ASP A 193 13.54 -14.22 -7.26
CA ASP A 193 13.98 -13.07 -8.04
C ASP A 193 13.05 -11.88 -7.82
N ASN A 194 11.75 -12.13 -7.96
CA ASN A 194 10.71 -11.15 -7.69
C ASN A 194 10.92 -9.77 -8.33
N PRO A 195 11.19 -9.74 -9.66
CA PRO A 195 11.18 -8.45 -10.35
C PRO A 195 9.80 -7.84 -10.34
N PRO A 196 9.67 -6.52 -10.43
CA PRO A 196 8.35 -5.91 -10.52
C PRO A 196 7.53 -6.53 -11.65
N VAL A 197 6.25 -6.82 -11.36
CA VAL A 197 5.30 -7.29 -12.38
C VAL A 197 4.56 -6.08 -12.88
N SER A 198 4.72 -5.78 -14.16
CA SER A 198 4.22 -4.55 -14.71
C SER A 198 2.95 -4.70 -15.53
N PHE A 199 2.52 -5.91 -15.81
CA PHE A 199 1.26 -6.08 -16.53
C PHE A 199 0.84 -7.52 -16.31
N VAL A 200 -0.46 -7.76 -16.29
CA VAL A 200 -0.96 -9.11 -16.32
C VAL A 200 -2.35 -9.11 -16.92
N LYS A 201 -2.72 -10.23 -17.54
CA LYS A 201 -4.08 -10.45 -18.02
C LYS A 201 -4.30 -11.93 -18.28
N PHE A 202 -5.57 -12.33 -18.22
CA PHE A 202 -5.94 -13.70 -18.56
C PHE A 202 -5.93 -13.88 -20.07
N SER A 203 -5.65 -15.11 -20.51
CA SER A 203 -5.87 -15.43 -21.91
C SER A 203 -7.36 -15.49 -22.24
N PRO A 204 -7.71 -15.42 -23.52
CA PRO A 204 -9.13 -15.56 -23.91
C PRO A 204 -9.81 -16.75 -23.26
N ASN A 205 -9.18 -17.93 -23.26
CA ASN A 205 -9.78 -19.14 -22.70
C ASN A 205 -9.70 -19.19 -21.18
N GLY A 206 -9.13 -18.18 -20.53
CA GLY A 206 -9.06 -18.14 -19.08
C GLY A 206 -8.20 -19.22 -18.46
N LYS A 207 -7.51 -20.00 -19.30
CA LYS A 207 -6.66 -21.05 -18.77
C LYS A 207 -5.29 -20.50 -18.39
N TYR A 208 -4.85 -19.43 -19.06
CA TYR A 208 -3.50 -18.90 -18.86
C TYR A 208 -3.51 -17.45 -18.41
N ILE A 209 -2.37 -17.03 -17.88
CA ILE A 209 -2.13 -15.65 -17.49
C ILE A 209 -0.84 -15.22 -18.16
N LEU A 210 -0.90 -14.07 -18.84
CA LEU A 210 0.25 -13.44 -19.47
C LEU A 210 0.76 -12.33 -18.58
N ALA A 211 2.03 -12.42 -18.18
CA ALA A 211 2.60 -11.52 -17.18
C ALA A 211 3.87 -10.90 -17.75
N ALA A 212 3.96 -9.58 -17.67
CA ALA A 212 5.18 -8.84 -17.99
C ALA A 212 5.90 -8.48 -16.70
N THR A 213 7.24 -8.61 -16.73
CA THR A 213 8.08 -8.22 -15.61
C THR A 213 9.15 -7.25 -16.12
N LEU A 214 9.60 -6.35 -15.24
CA LEU A 214 10.54 -5.30 -15.65
C LEU A 214 11.98 -5.80 -15.74
N ASP A 215 12.13 -7.01 -16.29
CA ASP A 215 13.41 -7.59 -16.68
C ASP A 215 13.35 -8.01 -18.16
N ASN A 216 12.59 -7.28 -18.97
CA ASN A 216 12.53 -7.51 -20.41
C ASN A 216 11.95 -8.89 -20.75
N THR A 217 10.96 -9.33 -20.00
CA THR A 217 10.42 -10.68 -20.12
C THR A 217 8.89 -10.70 -20.01
N LEU A 218 8.26 -11.46 -20.92
CA LEU A 218 6.84 -11.83 -20.88
C LEU A 218 6.77 -13.32 -20.62
N LYS A 219 5.83 -13.73 -19.78
CA LYS A 219 5.68 -15.15 -19.47
C LYS A 219 4.24 -15.56 -19.54
N LEU A 220 3.99 -16.76 -20.09
CA LEU A 220 2.67 -17.37 -20.12
C LEU A 220 2.59 -18.42 -19.02
N TRP A 221 1.68 -18.24 -18.08
CA TRP A 221 1.52 -19.12 -16.93
C TRP A 221 0.24 -19.94 -17.02
N ASP A 222 0.36 -21.23 -16.69
CA ASP A 222 -0.79 -22.09 -16.42
C ASP A 222 -1.33 -21.68 -15.05
N TYR A 223 -2.48 -21.00 -15.02
CA TYR A 223 -3.04 -20.53 -13.75
C TYR A 223 -3.19 -21.68 -12.75
N SER A 224 -4.00 -22.69 -13.09
CA SER A 224 -4.27 -23.77 -12.12
C SER A 224 -3.00 -24.53 -11.76
N LYS A 225 -2.14 -24.77 -12.76
CA LYS A 225 -0.92 -25.53 -12.53
C LYS A 225 0.13 -24.72 -11.77
N GLY A 226 0.08 -23.39 -11.83
CA GLY A 226 1.10 -22.59 -11.18
C GLY A 226 2.47 -22.68 -11.81
N LYS A 227 2.55 -23.03 -13.10
CA LYS A 227 3.80 -23.22 -13.82
C LYS A 227 3.86 -22.32 -15.05
N CYS A 228 5.08 -21.98 -15.44
CA CYS A 228 5.35 -21.16 -16.60
C CYS A 228 5.53 -22.03 -17.83
N LEU A 229 4.73 -21.78 -18.85
CA LEU A 229 4.71 -22.58 -20.07
C LEU A 229 5.56 -21.99 -21.20
N LYS A 230 5.60 -20.66 -21.31
CA LYS A 230 6.25 -19.96 -22.41
C LYS A 230 6.88 -18.69 -21.85
N THR A 231 8.00 -18.31 -22.42
CA THR A 231 8.60 -17.00 -22.17
C THR A 231 8.93 -16.35 -23.49
N TYR A 232 8.74 -15.03 -23.55
CA TYR A 232 8.89 -14.23 -24.76
C TYR A 232 9.86 -13.11 -24.42
N THR A 233 10.92 -13.01 -25.21
CA THR A 233 11.94 -12.00 -24.98
C THR A 233 12.40 -11.42 -26.30
N GLY A 234 13.25 -10.41 -26.20
CA GLY A 234 13.81 -9.72 -27.35
C GLY A 234 13.49 -8.24 -27.37
N HIS A 235 12.46 -7.85 -26.65
CA HIS A 235 12.05 -6.47 -26.52
C HIS A 235 12.71 -5.86 -25.29
N LYS A 236 12.35 -4.61 -24.99
CA LYS A 236 12.94 -3.88 -23.88
C LYS A 236 11.81 -3.45 -22.96
N ASN A 237 11.91 -3.83 -21.69
CA ASN A 237 10.87 -3.42 -20.73
C ASN A 237 11.47 -3.53 -19.32
N GLU A 238 12.02 -2.41 -18.86
CA GLU A 238 12.59 -2.28 -17.52
C GLU A 238 12.00 -1.13 -16.74
N LYS A 239 11.20 -0.28 -17.36
CA LYS A 239 10.84 1.01 -16.78
C LYS A 239 9.35 1.30 -16.70
N TYR A 240 8.57 0.86 -17.69
CA TYR A 240 7.20 1.29 -17.82
C TYR A 240 6.25 0.10 -17.78
N CYS A 241 5.02 0.38 -17.40
CA CYS A 241 3.98 -0.66 -17.40
C CYS A 241 3.31 -0.71 -18.78
N ILE A 242 3.87 -1.55 -19.64
CA ILE A 242 3.48 -1.73 -21.05
C ILE A 242 2.45 -2.83 -21.18
N PHE A 243 1.38 -2.60 -21.91
CA PHE A 243 0.33 -3.61 -22.11
C PHE A 243 0.84 -4.70 -23.06
N ALA A 244 0.37 -5.91 -22.88
CA ALA A 244 0.65 -7.06 -23.77
C ALA A 244 -0.68 -7.76 -24.05
N ASN A 245 -0.73 -8.45 -25.19
CA ASN A 245 -1.98 -8.95 -25.72
C ASN A 245 -1.80 -10.33 -26.31
N PHE A 246 -2.89 -11.09 -26.29
CA PHE A 246 -3.08 -12.23 -27.19
C PHE A 246 -3.75 -11.76 -28.49
N SER A 247 -3.20 -12.15 -29.64
CA SER A 247 -3.82 -11.87 -30.92
C SER A 247 -4.35 -13.19 -31.45
N VAL A 248 -5.66 -13.24 -31.74
CA VAL A 248 -6.32 -14.51 -32.04
C VAL A 248 -7.13 -14.49 -33.32
N THR A 249 -7.21 -13.36 -34.02
CA THR A 249 -8.10 -13.28 -35.18
C THR A 249 -7.55 -14.03 -36.36
N GLY A 250 -6.22 -14.12 -36.46
CA GLY A 250 -5.55 -14.91 -37.47
C GLY A 250 -4.61 -15.89 -36.83
N GLY A 251 -3.32 -15.70 -37.04
CA GLY A 251 -2.33 -16.51 -36.34
C GLY A 251 -2.32 -16.19 -34.86
N LYS A 252 -1.90 -17.17 -34.05
CA LYS A 252 -1.92 -17.01 -32.59
C LYS A 252 -0.62 -16.37 -32.17
N TRP A 253 -0.68 -15.07 -31.90
CA TRP A 253 0.50 -14.30 -31.55
C TRP A 253 0.40 -13.72 -30.14
N ILE A 254 1.56 -13.32 -29.62
CA ILE A 254 1.69 -12.41 -28.48
C ILE A 254 2.16 -11.06 -29.04
N VAL A 255 1.54 -9.97 -28.58
CA VAL A 255 1.86 -8.62 -29.05
C VAL A 255 2.19 -7.77 -27.83
N SER A 256 3.23 -6.94 -27.94
CA SER A 256 3.59 -6.02 -26.85
C SER A 256 4.31 -4.82 -27.44
N GLY A 257 4.15 -3.67 -26.78
CA GLY A 257 5.07 -2.58 -27.02
C GLY A 257 6.40 -2.81 -26.36
N SER A 258 7.26 -1.81 -26.48
CA SER A 258 8.66 -1.96 -26.07
C SER A 258 9.28 -0.58 -25.89
N GLU A 259 10.32 -0.54 -25.05
CA GLU A 259 11.02 0.70 -24.73
C GLU A 259 12.07 1.07 -25.76
N ASP A 260 12.30 0.23 -26.78
CA ASP A 260 13.02 0.61 -27.98
C ASP A 260 12.10 1.12 -29.10
N ASN A 261 10.87 1.52 -28.76
CA ASN A 261 9.94 2.21 -29.65
C ASN A 261 9.32 1.31 -30.73
N LEU A 262 9.43 -0.01 -30.57
CA LEU A 262 8.88 -0.98 -31.51
C LEU A 262 7.71 -1.71 -30.89
N VAL A 263 6.83 -2.22 -31.76
CA VAL A 263 5.84 -3.23 -31.41
C VAL A 263 6.42 -4.58 -31.78
N TYR A 264 6.44 -5.51 -30.82
CA TYR A 264 6.92 -6.86 -31.01
C TYR A 264 5.74 -7.81 -31.11
N ILE A 265 5.89 -8.81 -32.00
CA ILE A 265 4.89 -9.83 -32.22
C ILE A 265 5.63 -11.15 -32.17
N TRP A 266 5.19 -12.06 -31.31
CA TRP A 266 5.79 -13.38 -31.18
C TRP A 266 4.78 -14.47 -31.57
N ASN A 267 5.32 -15.57 -32.10
CA ASN A 267 4.55 -16.80 -32.25
C ASN A 267 4.30 -17.37 -30.86
N LEU A 268 3.02 -17.49 -30.46
CA LEU A 268 2.71 -17.87 -29.10
C LEU A 268 3.31 -19.22 -28.74
N GLN A 269 3.27 -20.16 -29.67
CA GLN A 269 3.70 -21.52 -29.36
C GLN A 269 5.22 -21.66 -29.41
N THR A 270 5.85 -21.11 -30.42
CA THR A 270 7.28 -21.33 -30.62
C THR A 270 8.12 -20.28 -29.93
N LYS A 271 7.51 -19.17 -29.51
CA LYS A 271 8.15 -18.03 -28.85
C LYS A 271 9.06 -17.22 -29.76
N GLU A 272 9.09 -17.53 -31.06
CA GLU A 272 9.91 -16.77 -31.98
C GLU A 272 9.29 -15.40 -32.26
N ILE A 273 10.14 -14.36 -32.32
CA ILE A 273 9.70 -13.08 -32.86
C ILE A 273 9.37 -13.25 -34.33
N VAL A 274 8.16 -12.88 -34.72
CA VAL A 274 7.75 -12.96 -36.11
C VAL A 274 7.63 -11.58 -36.77
N GLN A 275 7.51 -10.50 -36.01
CA GLN A 275 7.52 -9.18 -36.63
C GLN A 275 7.84 -8.13 -35.60
N LYS A 276 8.43 -7.03 -36.06
CA LYS A 276 8.72 -5.85 -35.25
C LYS A 276 8.26 -4.67 -36.07
N LEU A 277 7.35 -3.86 -35.51
CA LEU A 277 6.70 -2.77 -36.23
C LEU A 277 7.38 -1.46 -35.87
N GLN A 278 7.92 -0.80 -36.88
CA GLN A 278 8.71 0.41 -36.72
C GLN A 278 7.93 1.62 -37.19
N GLY A 279 8.02 2.70 -36.40
CA GLY A 279 7.42 3.97 -36.76
C GLY A 279 7.31 4.93 -35.59
N HIS A 280 7.00 4.41 -34.41
CA HIS A 280 6.89 5.27 -33.24
C HIS A 280 8.26 5.87 -32.88
N THR A 281 8.22 7.03 -32.21
CA THR A 281 9.41 7.74 -31.80
C THR A 281 9.52 7.87 -30.28
N ASP A 282 8.77 7.07 -29.54
CA ASP A 282 8.96 6.97 -28.11
C ASP A 282 8.46 5.60 -27.68
N VAL A 283 8.63 5.31 -26.41
CA VAL A 283 8.16 4.06 -25.82
C VAL A 283 6.75 3.76 -26.31
N VAL A 284 6.54 2.53 -26.77
CA VAL A 284 5.20 2.06 -27.16
C VAL A 284 4.59 1.48 -25.87
N ILE A 285 3.75 2.28 -25.21
CA ILE A 285 3.26 1.94 -23.89
C ILE A 285 2.06 1.01 -23.95
N SER A 286 1.31 1.06 -25.05
CA SER A 286 0.07 0.30 -25.14
C SER A 286 -0.09 -0.21 -26.55
N THR A 287 -0.59 -1.45 -26.63
CA THR A 287 -1.02 -2.09 -27.87
C THR A 287 -2.36 -2.73 -27.57
N ALA A 288 -3.17 -2.88 -28.62
CA ALA A 288 -4.45 -3.59 -28.50
C ALA A 288 -4.69 -4.33 -29.82
N CYS A 289 -5.42 -5.45 -29.72
CA CYS A 289 -5.74 -6.30 -30.87
C CYS A 289 -7.24 -6.25 -31.12
N HIS A 290 -7.62 -6.01 -32.35
CA HIS A 290 -9.03 -5.86 -32.68
C HIS A 290 -9.78 -7.18 -32.54
N PRO A 291 -11.03 -7.15 -32.06
CA PRO A 291 -11.73 -8.43 -31.77
C PRO A 291 -12.04 -9.30 -32.96
N THR A 292 -12.08 -8.77 -34.20
CA THR A 292 -12.44 -9.65 -35.33
C THR A 292 -11.51 -9.53 -36.54
N GLU A 293 -10.91 -8.38 -36.75
CA GLU A 293 -9.96 -8.13 -37.82
C GLU A 293 -8.53 -8.21 -37.30
N ASN A 294 -7.61 -8.50 -38.21
CA ASN A 294 -6.18 -8.50 -37.92
C ASN A 294 -5.69 -7.06 -37.98
N ILE A 295 -5.97 -6.33 -36.89
CA ILE A 295 -5.63 -4.92 -36.75
C ILE A 295 -5.05 -4.75 -35.35
N ILE A 296 -3.90 -4.08 -35.25
CA ILE A 296 -3.29 -3.73 -33.97
C ILE A 296 -3.31 -2.21 -33.83
N ALA A 297 -3.63 -1.73 -32.64
CA ALA A 297 -3.47 -0.32 -32.31
C ALA A 297 -2.29 -0.22 -31.37
N SER A 298 -1.40 0.76 -31.62
CA SER A 298 -0.29 1.04 -30.73
C SER A 298 -0.26 2.52 -30.35
N ALA A 299 0.25 2.83 -29.15
CA ALA A 299 0.33 4.22 -28.72
C ALA A 299 1.61 4.45 -27.93
N ALA A 300 2.12 5.68 -28.02
CA ALA A 300 3.44 6.01 -27.46
C ALA A 300 3.41 7.20 -26.52
N LEU A 301 4.52 7.35 -25.79
CA LEU A 301 4.63 8.39 -24.76
C LEU A 301 5.01 9.75 -25.33
N GLU A 302 5.52 10.63 -24.44
CA GLU A 302 5.54 12.08 -24.64
C GLU A 302 6.26 12.56 -25.90
N ASN A 303 7.32 11.88 -26.32
CA ASN A 303 8.05 12.33 -27.51
C ASN A 303 7.32 12.02 -28.81
N ASP A 304 6.17 11.33 -28.75
CA ASP A 304 5.45 10.81 -29.91
C ASP A 304 3.98 11.25 -29.83
N LYS A 305 3.25 10.73 -28.84
CA LYS A 305 1.89 11.15 -28.52
C LYS A 305 0.89 10.69 -29.58
N THR A 306 1.29 9.83 -30.50
CA THR A 306 0.34 9.34 -31.49
C THR A 306 -0.04 7.89 -31.27
N ILE A 307 -1.12 7.55 -31.94
CA ILE A 307 -1.68 6.21 -32.03
C ILE A 307 -1.51 5.77 -33.48
N LYS A 308 -1.14 4.52 -33.68
CA LYS A 308 -0.99 3.98 -35.02
C LYS A 308 -1.89 2.76 -35.15
N LEU A 309 -2.49 2.61 -36.34
CA LEU A 309 -3.31 1.46 -36.68
C LEU A 309 -2.57 0.66 -37.75
N TRP A 310 -2.33 -0.63 -37.48
CA TRP A 310 -1.56 -1.51 -38.34
C TRP A 310 -2.48 -2.65 -38.75
N LYS A 311 -2.39 -3.10 -40.02
CA LYS A 311 -3.26 -4.17 -40.50
C LYS A 311 -2.44 -5.26 -41.18
N SER A 312 -2.86 -6.52 -40.97
CA SER A 312 -2.20 -7.71 -41.53
C SER A 312 -3.19 -8.57 -42.31
N ASP A 313 -2.65 -9.38 -43.24
CA ASP A 313 -3.48 -10.38 -43.90
C ASP A 313 -3.72 -11.61 -43.03
N CYS A 314 -2.91 -11.82 -42.01
CA CYS A 314 -3.04 -13.02 -41.19
C CYS A 314 -2.59 -12.79 -39.75
N PRO B 10 0.56 25.86 34.81
CA PRO B 10 0.47 24.54 34.19
C PRO B 10 -0.94 24.24 33.73
N VAL B 11 -1.70 25.29 33.35
CA VAL B 11 -3.05 25.04 32.85
C VAL B 11 -2.98 24.45 31.46
N LYS B 12 -1.97 24.81 30.67
CA LYS B 12 -1.83 24.27 29.33
C LYS B 12 -0.37 24.38 28.91
N PRO B 13 0.10 23.47 28.08
CA PRO B 13 1.42 23.64 27.46
C PRO B 13 1.29 24.56 26.27
N ASN B 14 2.42 24.90 25.66
CA ASN B 14 2.43 25.79 24.50
C ASN B 14 3.34 25.23 23.42
N TYR B 15 3.14 23.95 23.11
CA TYR B 15 3.90 23.30 22.05
C TYR B 15 3.77 24.07 20.75
N ALA B 16 4.92 24.30 20.10
CA ALA B 16 5.04 25.04 18.86
C ALA B 16 5.95 24.26 17.92
N LEU B 17 5.62 24.29 16.64
CA LEU B 17 6.39 23.49 15.69
C LEU B 17 7.79 24.06 15.58
N LYS B 18 8.78 23.20 15.69
CA LYS B 18 10.16 23.64 15.52
C LYS B 18 10.84 23.07 14.29
N PHE B 19 10.56 21.83 13.91
CA PHE B 19 11.20 21.22 12.74
C PHE B 19 10.24 20.23 12.13
N THR B 20 10.32 20.10 10.80
CA THR B 20 9.66 19.05 10.02
C THR B 20 10.73 18.21 9.36
N LEU B 21 10.68 16.90 9.57
CA LEU B 21 11.68 15.94 9.11
C LEU B 21 11.11 15.15 7.94
N ALA B 22 11.64 15.39 6.75
CA ALA B 22 11.25 14.72 5.53
C ALA B 22 12.31 13.72 5.11
N GLY B 23 11.85 12.61 4.57
CA GLY B 23 12.77 11.68 3.95
C GLY B 23 12.19 10.30 3.72
N HIS B 24 11.24 9.89 4.54
CA HIS B 24 10.53 8.66 4.23
C HIS B 24 9.75 8.85 2.93
N THR B 25 9.61 7.78 2.15
CA THR B 25 8.89 7.83 0.88
C THR B 25 7.54 7.12 0.92
N LYS B 26 7.18 6.54 2.06
CA LYS B 26 5.85 6.02 2.32
C LYS B 26 5.48 6.43 3.75
N ALA B 27 4.27 6.07 4.17
CA ALA B 27 3.77 6.39 5.50
C ALA B 27 4.83 6.14 6.56
N VAL B 28 4.91 7.04 7.51
CA VAL B 28 5.66 6.77 8.72
C VAL B 28 4.74 5.99 9.65
N SER B 29 5.31 4.99 10.30
CA SER B 29 4.55 4.14 11.21
C SER B 29 4.78 4.40 12.70
N SER B 30 5.98 4.79 13.09
CA SER B 30 6.28 4.87 14.50
C SER B 30 7.50 5.75 14.63
N VAL B 31 7.46 6.66 15.61
CA VAL B 31 8.63 7.39 16.05
C VAL B 31 8.87 7.16 17.54
N LYS B 32 10.15 7.14 17.91
CA LYS B 32 10.55 6.91 19.32
C LYS B 32 11.83 7.69 19.63
N PHE B 33 11.87 8.32 20.81
CA PHE B 33 13.09 8.98 21.24
C PHE B 33 13.99 7.99 21.98
N SER B 34 15.30 8.10 21.72
CA SER B 34 16.24 7.27 22.48
C SER B 34 16.21 7.63 23.97
N PRO B 35 16.42 6.64 24.84
CA PRO B 35 16.38 6.94 26.28
C PRO B 35 17.35 8.02 26.72
N ASN B 36 18.50 8.14 26.06
CA ASN B 36 19.48 9.15 26.41
C ASN B 36 19.15 10.52 25.83
N GLY B 37 18.00 10.65 25.16
CA GLY B 37 17.52 11.94 24.71
C GLY B 37 18.08 12.43 23.39
N GLU B 38 19.10 11.78 22.86
CA GLU B 38 19.87 12.41 21.78
C GLU B 38 19.25 12.22 20.41
N TRP B 39 18.46 11.15 20.24
CA TRP B 39 18.01 10.75 18.93
C TRP B 39 16.51 10.50 18.85
N LEU B 40 15.99 10.61 17.65
CA LEU B 40 14.66 10.14 17.29
C LEU B 40 14.87 9.07 16.24
N ALA B 41 14.24 7.90 16.44
CA ALA B 41 14.21 6.88 15.42
C ALA B 41 12.82 6.88 14.80
N SER B 42 12.76 6.69 13.48
CA SER B 42 11.47 6.53 12.80
C SER B 42 11.50 5.27 11.95
N SER B 43 10.34 4.61 11.86
CA SER B 43 10.13 3.47 10.98
C SER B 43 9.05 3.77 9.97
N SER B 44 9.03 3.04 8.86
CA SER B 44 8.09 3.39 7.81
C SER B 44 7.73 2.21 6.94
N ALA B 45 6.57 2.32 6.28
CA ALA B 45 6.21 1.36 5.26
C ALA B 45 7.19 1.29 4.09
N ASP B 46 8.12 2.27 3.93
CA ASP B 46 9.15 2.24 2.90
C ASP B 46 10.29 1.32 3.25
N LYS B 47 10.15 0.53 4.32
CA LYS B 47 11.07 -0.53 4.69
C LYS B 47 12.30 -0.01 5.43
N LEU B 48 12.32 1.26 5.77
CA LEU B 48 13.50 1.89 6.34
C LEU B 48 13.29 2.32 7.77
N ILE B 49 14.40 2.37 8.50
CA ILE B 49 14.53 3.07 9.77
C ILE B 49 15.39 4.31 9.52
N LYS B 50 14.97 5.46 10.03
CA LYS B 50 15.83 6.64 9.98
C LYS B 50 16.10 7.17 11.38
N ILE B 51 17.31 7.70 11.55
CA ILE B 51 17.76 8.27 12.81
C ILE B 51 17.95 9.76 12.60
N TRP B 52 17.45 10.55 13.54
CA TRP B 52 17.44 12.01 13.47
C TRP B 52 17.93 12.56 14.81
N GLY B 53 18.54 13.74 14.79
CA GLY B 53 18.84 14.43 16.04
C GLY B 53 17.57 14.90 16.75
N ALA B 54 17.49 14.65 18.05
CA ALA B 54 16.26 14.94 18.79
C ALA B 54 16.01 16.43 18.96
N TYR B 55 17.07 17.25 19.02
CA TYR B 55 16.92 18.65 19.37
C TYR B 55 16.95 19.57 18.16
N ASP B 56 17.53 19.12 17.06
CA ASP B 56 17.66 19.93 15.87
C ASP B 56 17.09 19.28 14.61
N GLY B 57 16.46 18.11 14.73
CA GLY B 57 15.92 17.44 13.57
C GLY B 57 16.93 16.92 12.57
N LYS B 58 18.23 16.98 12.88
CA LYS B 58 19.26 16.69 11.88
C LYS B 58 19.24 15.21 11.48
N PHE B 59 19.08 14.94 10.17
CA PHE B 59 19.16 13.58 9.68
C PHE B 59 20.54 13.00 9.96
N GLU B 60 20.59 11.80 10.54
CA GLU B 60 21.85 11.11 10.82
C GLU B 60 22.09 9.92 9.89
N LYS B 61 21.14 8.98 9.78
CA LYS B 61 21.42 7.85 8.92
C LYS B 61 20.14 7.08 8.64
N THR B 62 20.21 6.26 7.61
CA THR B 62 19.17 5.31 7.24
C THR B 62 19.69 3.92 7.59
N ILE B 63 18.82 3.10 8.15
CA ILE B 63 19.12 1.71 8.47
C ILE B 63 18.19 0.85 7.62
N SER B 64 18.74 -0.04 6.80
CA SER B 64 17.97 -0.82 5.83
C SER B 64 18.28 -2.30 5.99
N GLY B 65 17.32 -3.13 5.57
CA GLY B 65 17.48 -4.57 5.51
C GLY B 65 16.17 -5.34 5.48
N HIS B 66 15.13 -4.80 6.08
CA HIS B 66 13.85 -5.50 5.98
C HIS B 66 13.40 -5.56 4.53
N LYS B 67 12.66 -6.62 4.20
CA LYS B 67 12.21 -6.84 2.84
C LYS B 67 10.84 -6.25 2.56
N LEU B 68 10.10 -5.88 3.59
CA LEU B 68 8.80 -5.27 3.45
C LEU B 68 8.71 -4.20 4.51
N GLY B 69 7.58 -3.51 4.57
CA GLY B 69 7.46 -2.33 5.41
C GLY B 69 7.57 -2.66 6.89
N ILE B 70 7.80 -1.60 7.67
CA ILE B 70 7.99 -1.66 9.11
C ILE B 70 6.83 -0.93 9.81
N SER B 71 6.25 -1.57 10.82
CA SER B 71 5.18 -0.96 11.61
C SER B 71 5.62 -0.43 12.98
N ASP B 72 6.82 -0.75 13.45
CA ASP B 72 7.19 -0.34 14.81
C ASP B 72 8.69 -0.48 14.94
N VAL B 73 9.24 0.32 15.85
CA VAL B 73 10.66 0.35 16.18
C VAL B 73 10.74 0.76 17.63
N ALA B 74 11.78 0.27 18.32
CA ALA B 74 11.95 0.52 19.75
C ALA B 74 13.43 0.49 20.09
N TRP B 75 13.79 1.20 21.15
CA TRP B 75 15.17 1.35 21.59
C TRP B 75 15.45 0.44 22.80
N SER B 76 16.72 0.00 22.89
CA SER B 76 17.20 -0.60 24.13
C SER B 76 17.45 0.49 25.18
N SER B 77 17.52 0.07 26.45
CA SER B 77 17.58 1.05 27.54
C SER B 77 18.88 1.85 27.51
N ASP B 78 19.95 1.28 26.97
CA ASP B 78 21.22 2.00 26.88
C ASP B 78 21.33 2.83 25.60
N SER B 79 20.30 2.86 24.76
CA SER B 79 20.23 3.62 23.53
C SER B 79 21.17 3.10 22.45
N ASN B 80 21.70 1.89 22.58
CA ASN B 80 22.67 1.36 21.63
C ASN B 80 22.05 0.48 20.57
N LEU B 81 20.86 -0.10 20.84
CA LEU B 81 20.21 -0.99 19.90
C LEU B 81 18.82 -0.53 19.57
N LEU B 82 18.38 -0.93 18.38
CA LEU B 82 16.98 -0.81 18.00
C LEU B 82 16.43 -2.19 17.69
N VAL B 83 15.11 -2.34 17.81
CA VAL B 83 14.41 -3.50 17.27
C VAL B 83 13.27 -2.97 16.40
N SER B 84 13.03 -3.63 15.26
CA SER B 84 12.02 -3.26 14.31
C SER B 84 11.11 -4.45 14.04
N ALA B 85 9.83 -4.16 13.77
CA ALA B 85 8.81 -5.17 13.48
C ALA B 85 8.28 -4.96 12.06
N SER B 86 8.34 -6.00 11.22
CA SER B 86 8.07 -5.86 9.81
C SER B 86 7.01 -6.81 9.24
N ASP B 87 6.43 -6.36 8.14
CA ASP B 87 5.53 -7.20 7.36
C ASP B 87 6.24 -8.42 6.77
N ASP B 88 7.57 -8.43 6.75
CA ASP B 88 8.29 -9.60 6.26
C ASP B 88 8.28 -10.74 7.29
N LYS B 89 7.49 -10.60 8.34
CA LYS B 89 7.30 -11.61 9.39
C LYS B 89 8.48 -11.73 10.36
N THR B 90 9.45 -10.85 10.25
CA THR B 90 10.58 -10.88 11.16
C THR B 90 10.65 -9.61 12.00
N LEU B 91 11.44 -9.70 13.06
CA LEU B 91 12.02 -8.54 13.69
C LEU B 91 13.52 -8.53 13.44
N LYS B 92 14.10 -7.35 13.42
CA LYS B 92 15.54 -7.22 13.30
C LYS B 92 16.07 -6.40 14.46
N ILE B 93 17.20 -6.83 14.99
CA ILE B 93 17.91 -6.12 16.04
C ILE B 93 19.07 -5.40 15.38
N TRP B 94 19.20 -4.12 15.64
CA TRP B 94 20.17 -3.28 14.94
C TRP B 94 21.12 -2.62 15.92
N ASP B 95 22.41 -2.58 15.54
CA ASP B 95 23.37 -1.74 16.23
C ASP B 95 23.26 -0.33 15.68
N VAL B 96 22.88 0.63 16.52
CA VAL B 96 22.60 1.96 15.99
C VAL B 96 23.87 2.66 15.49
N SER B 97 25.02 2.39 16.13
CA SER B 97 26.25 3.08 15.73
C SER B 97 26.73 2.61 14.35
N SER B 98 26.67 1.30 14.08
CA SER B 98 27.12 0.77 12.78
C SER B 98 26.00 0.66 11.74
N GLY B 99 24.75 0.63 12.18
CA GLY B 99 23.63 0.39 11.30
C GLY B 99 23.44 -1.06 10.94
N LYS B 100 24.29 -1.95 11.43
CA LYS B 100 24.26 -3.36 11.06
C LYS B 100 23.13 -4.13 11.74
N CYS B 101 22.53 -5.03 10.98
CA CYS B 101 21.60 -6.00 11.54
C CYS B 101 22.38 -7.05 12.32
N LEU B 102 22.14 -7.13 13.62
CA LEU B 102 22.80 -8.07 14.51
C LEU B 102 22.10 -9.42 14.54
N LYS B 103 20.78 -9.42 14.54
CA LYS B 103 19.99 -10.65 14.59
C LYS B 103 18.72 -10.42 13.80
N THR B 104 18.22 -11.48 13.16
CA THR B 104 16.90 -11.50 12.54
C THR B 104 16.07 -12.52 13.32
N LEU B 105 14.97 -12.06 13.90
CA LEU B 105 14.12 -12.85 14.79
C LEU B 105 13.02 -13.47 13.93
N LYS B 106 13.10 -14.78 13.73
CA LYS B 106 12.19 -15.52 12.88
C LYS B 106 11.33 -16.44 13.71
N GLY B 107 10.04 -16.44 13.38
CA GLY B 107 9.08 -17.30 14.05
C GLY B 107 7.63 -16.94 13.81
N HIS B 108 7.32 -15.65 13.81
CA HIS B 108 5.95 -15.24 13.50
C HIS B 108 5.59 -15.72 12.08
N SER B 109 4.30 -15.99 11.89
CA SER B 109 3.80 -16.53 10.64
C SER B 109 3.02 -15.50 9.84
N ASN B 110 3.02 -14.25 10.29
CA ASN B 110 2.35 -13.15 9.63
C ASN B 110 3.03 -11.87 10.09
N TYR B 111 2.49 -10.74 9.62
CA TYR B 111 3.14 -9.44 9.84
C TYR B 111 3.48 -9.26 11.31
N VAL B 112 4.66 -8.73 11.62
CA VAL B 112 4.93 -8.34 13.00
C VAL B 112 4.57 -6.88 13.13
N PHE B 113 3.81 -6.53 14.17
CA PHE B 113 3.15 -5.23 14.26
C PHE B 113 3.73 -4.31 15.30
N CYS B 114 4.22 -4.85 16.40
CA CYS B 114 4.59 -4.07 17.55
C CYS B 114 5.72 -4.78 18.26
N CYS B 115 6.57 -3.99 18.94
CA CYS B 115 7.77 -4.49 19.58
C CYS B 115 8.27 -3.55 20.67
N ASN B 116 8.96 -4.14 21.66
CA ASN B 116 9.60 -3.38 22.74
C ASN B 116 10.67 -4.23 23.41
N PHE B 117 11.73 -3.56 23.89
CA PHE B 117 12.67 -4.18 24.79
C PHE B 117 12.11 -4.10 26.24
N ASN B 118 12.57 -5.01 27.14
CA ASN B 118 12.33 -4.81 28.56
C ASN B 118 13.38 -3.86 29.15
N PRO B 119 13.14 -3.33 30.37
CA PRO B 119 14.12 -2.38 30.94
C PRO B 119 15.54 -2.91 30.99
N GLN B 120 15.70 -4.21 31.31
CA GLN B 120 17.03 -4.83 31.32
C GLN B 120 17.67 -4.87 29.94
N SER B 121 16.80 -4.95 28.93
CA SER B 121 17.09 -5.08 27.51
C SER B 121 17.84 -6.36 27.15
N ASN B 122 17.54 -7.41 27.93
CA ASN B 122 17.91 -8.76 27.58
C ASN B 122 16.79 -9.50 26.84
N LEU B 123 15.56 -8.95 26.81
CA LEU B 123 14.41 -9.55 26.15
C LEU B 123 13.75 -8.55 25.20
N ILE B 124 13.14 -9.07 24.13
CA ILE B 124 12.25 -8.31 23.27
C ILE B 124 10.90 -9.01 23.29
N VAL B 125 9.83 -8.20 23.34
CA VAL B 125 8.48 -8.72 23.15
C VAL B 125 7.98 -8.24 21.79
N SER B 126 7.20 -9.11 21.11
CA SER B 126 6.60 -8.75 19.84
C SER B 126 5.16 -9.23 19.77
N GLY B 127 4.37 -8.53 18.97
CA GLY B 127 3.04 -8.98 18.67
C GLY B 127 2.82 -8.96 17.18
N SER B 128 1.95 -9.83 16.72
CA SER B 128 1.83 -10.09 15.29
C SER B 128 0.38 -10.24 14.86
N PHE B 129 0.18 -10.07 13.55
CA PHE B 129 -1.09 -10.43 12.95
C PHE B 129 -1.39 -11.92 13.10
N ASP B 130 -0.40 -12.75 13.44
CA ASP B 130 -0.63 -14.18 13.66
C ASP B 130 -1.27 -14.45 15.01
N GLU B 131 -1.61 -13.39 15.74
CA GLU B 131 -2.40 -13.40 16.97
C GLU B 131 -1.58 -13.81 18.18
N SER B 132 -0.27 -14.04 18.04
CA SER B 132 0.59 -14.43 19.14
C SER B 132 1.45 -13.27 19.63
N VAL B 133 1.94 -13.43 20.86
CA VAL B 133 2.95 -12.58 21.48
C VAL B 133 4.17 -13.48 21.65
N ARG B 134 5.32 -13.00 21.20
N ARG B 134 5.35 -13.00 21.24
CA ARG B 134 6.56 -13.75 21.37
CA ARG B 134 6.57 -13.79 21.31
C ARG B 134 7.55 -12.98 22.23
C ARG B 134 7.66 -13.04 22.07
N ILE B 135 8.31 -13.73 23.01
CA ILE B 135 9.37 -13.20 23.84
C ILE B 135 10.66 -13.76 23.32
N TRP B 136 11.65 -12.86 23.08
CA TRP B 136 12.91 -13.28 22.46
C TRP B 136 14.11 -12.89 23.31
N ASP B 137 15.18 -13.69 23.21
CA ASP B 137 16.46 -13.38 23.85
C ASP B 137 17.26 -12.48 22.91
N VAL B 138 17.62 -11.27 23.40
CA VAL B 138 18.35 -10.29 22.59
C VAL B 138 19.73 -10.82 22.18
N LYS B 139 20.45 -11.37 23.15
CA LYS B 139 21.81 -11.84 22.88
C LYS B 139 21.87 -12.87 21.76
N THR B 140 20.97 -13.88 21.82
CA THR B 140 21.08 -14.98 20.87
C THR B 140 20.08 -14.93 19.72
N GLY B 141 18.99 -14.17 19.85
CA GLY B 141 17.95 -14.18 18.86
C GLY B 141 16.95 -15.30 18.98
N LYS B 142 17.08 -16.14 20.01
CA LYS B 142 16.19 -17.28 20.18
C LYS B 142 14.80 -16.83 20.61
N CYS B 143 13.79 -17.49 20.07
CA CYS B 143 12.44 -17.30 20.59
C CYS B 143 12.32 -18.08 21.89
N LEU B 144 12.14 -17.39 23.01
CA LEU B 144 12.01 -18.11 24.29
C LEU B 144 10.60 -18.60 24.55
N LYS B 145 9.59 -17.80 24.26
CA LYS B 145 8.23 -18.22 24.50
C LYS B 145 7.32 -17.69 23.40
N THR B 146 6.33 -18.49 23.02
CA THR B 146 5.23 -18.06 22.16
C THR B 146 3.92 -18.17 22.94
N LEU B 147 3.28 -17.05 23.16
CA LEU B 147 2.03 -16.93 23.89
C LEU B 147 0.87 -16.88 22.92
N PRO B 148 -0.12 -17.77 23.06
CA PRO B 148 -1.37 -17.75 22.25
C PRO B 148 -2.29 -16.68 22.82
N ALA B 149 -1.86 -15.45 22.62
CA ALA B 149 -2.31 -14.38 23.49
C ALA B 149 -3.68 -13.88 23.13
N HIS B 150 -4.02 -13.89 21.84
CA HIS B 150 -5.23 -13.24 21.37
C HIS B 150 -5.86 -14.05 20.25
N SER B 151 -7.06 -13.62 19.85
CA SER B 151 -7.74 -14.27 18.73
C SER B 151 -7.92 -13.35 17.51
N ASP B 152 -7.09 -12.32 17.40
CA ASP B 152 -7.04 -11.38 16.27
C ASP B 152 -5.69 -10.71 16.36
N PRO B 153 -5.35 -9.87 15.38
CA PRO B 153 -4.02 -9.25 15.40
C PRO B 153 -3.75 -8.52 16.72
N VAL B 154 -2.49 -8.62 17.15
CA VAL B 154 -2.00 -8.00 18.37
C VAL B 154 -1.50 -6.60 18.02
N SER B 155 -2.12 -5.59 18.62
CA SER B 155 -1.88 -4.19 18.26
C SER B 155 -0.74 -3.52 19.03
N ALA B 156 -0.41 -3.99 20.24
CA ALA B 156 0.61 -3.37 21.06
C ALA B 156 1.09 -4.34 22.11
N VAL B 157 2.34 -4.19 22.52
CA VAL B 157 3.00 -4.98 23.56
C VAL B 157 3.94 -4.04 24.29
N HIS B 158 4.01 -4.14 25.62
CA HIS B 158 4.82 -3.21 26.43
C HIS B 158 5.22 -3.89 27.73
N PHE B 159 6.45 -3.65 28.19
CA PHE B 159 6.90 -4.12 29.47
C PHE B 159 6.65 -3.05 30.52
N ASN B 160 6.40 -3.49 31.77
CA ASN B 160 6.32 -2.56 32.89
C ASN B 160 7.74 -2.20 33.34
N ARG B 161 7.81 -1.37 34.40
CA ARG B 161 9.04 -0.72 34.80
C ARG B 161 10.11 -1.67 35.36
N ASP B 162 9.75 -2.81 35.98
CA ASP B 162 10.77 -3.76 36.40
C ASP B 162 10.86 -4.98 35.48
N GLY B 163 10.15 -4.97 34.34
CA GLY B 163 10.20 -6.05 33.42
C GLY B 163 9.40 -7.30 33.74
N SER B 164 8.75 -7.33 34.89
CA SER B 164 8.09 -8.57 35.30
C SER B 164 6.77 -8.81 34.59
N LEU B 165 6.18 -7.76 34.00
CA LEU B 165 4.89 -7.84 33.33
C LEU B 165 4.99 -7.36 31.88
N ILE B 166 4.16 -7.98 31.03
CA ILE B 166 3.89 -7.52 29.69
C ILE B 166 2.40 -7.22 29.56
N VAL B 167 2.05 -6.09 28.95
CA VAL B 167 0.67 -5.83 28.59
C VAL B 167 0.55 -5.93 27.07
N SER B 168 -0.53 -6.59 26.60
CA SER B 168 -0.84 -6.71 25.19
C SER B 168 -2.28 -6.30 24.94
N SER B 169 -2.52 -5.88 23.70
CA SER B 169 -3.83 -5.46 23.25
C SER B 169 -4.04 -6.03 21.86
N SER B 170 -5.31 -6.10 21.47
CA SER B 170 -5.64 -6.78 20.23
C SER B 170 -6.96 -6.27 19.68
N TYR B 171 -7.09 -6.41 18.36
CA TYR B 171 -8.37 -6.25 17.69
C TYR B 171 -9.47 -7.17 18.23
N ASP B 172 -9.12 -8.24 18.97
CA ASP B 172 -10.15 -9.09 19.56
C ASP B 172 -10.89 -8.38 20.70
N GLY B 173 -10.47 -7.18 21.10
CA GLY B 173 -11.16 -6.44 22.14
C GLY B 173 -10.60 -6.62 23.52
N LEU B 174 -9.53 -7.38 23.67
CA LEU B 174 -8.95 -7.63 24.97
C LEU B 174 -7.61 -6.92 25.16
N CYS B 175 -7.41 -6.57 26.42
CA CYS B 175 -6.12 -6.20 26.97
CA CYS B 175 -6.12 -6.20 26.98
CA CYS B 175 -6.09 -6.25 26.91
C CYS B 175 -5.76 -7.26 28.00
N ARG B 176 -4.58 -7.86 27.87
CA ARG B 176 -4.14 -8.90 28.80
C ARG B 176 -2.78 -8.55 29.39
N ILE B 177 -2.58 -8.95 30.65
CA ILE B 177 -1.31 -8.75 31.35
C ILE B 177 -0.70 -10.12 31.57
N TRP B 178 0.59 -10.26 31.20
CA TRP B 178 1.31 -11.53 31.17
C TRP B 178 2.48 -11.49 32.12
N ASP B 179 2.71 -12.60 32.83
CA ASP B 179 3.93 -12.76 33.60
C ASP B 179 5.09 -13.08 32.67
N THR B 180 6.09 -12.20 32.60
CA THR B 180 7.19 -12.39 31.68
C THR B 180 7.87 -13.73 31.87
N ALA B 181 8.18 -14.07 33.12
CA ALA B 181 9.02 -15.23 33.38
C ALA B 181 8.37 -16.54 32.92
N SER B 182 7.05 -16.66 33.10
CA SER B 182 6.35 -17.89 32.82
C SER B 182 5.53 -17.81 31.54
N GLY B 183 5.22 -16.60 31.09
CA GLY B 183 4.39 -16.41 29.93
C GLY B 183 2.92 -16.66 30.14
N GLN B 184 2.47 -16.83 31.38
CA GLN B 184 1.09 -17.13 31.66
C GLN B 184 0.34 -15.85 31.97
N CYS B 185 -0.96 -15.89 31.72
CA CYS B 185 -1.82 -14.72 31.88
C CYS B 185 -2.11 -14.45 33.34
N LEU B 186 -1.84 -13.23 33.78
CA LEU B 186 -2.16 -12.73 35.12
C LEU B 186 -3.57 -12.13 35.19
N LYS B 187 -4.00 -11.36 34.16
CA LYS B 187 -5.33 -10.80 34.14
C LYS B 187 -5.76 -10.47 32.70
N THR B 188 -7.06 -10.57 32.43
CA THR B 188 -7.68 -9.96 31.27
C THR B 188 -8.38 -8.68 31.74
N LEU B 189 -7.76 -7.54 31.45
CA LEU B 189 -8.12 -6.26 32.04
C LEU B 189 -9.35 -5.68 31.37
N ILE B 190 -9.41 -5.80 30.06
CA ILE B 190 -10.59 -5.48 29.28
C ILE B 190 -11.05 -6.79 28.68
N ASP B 191 -12.28 -7.20 29.02
CA ASP B 191 -12.88 -8.44 28.54
C ASP B 191 -14.40 -8.36 28.61
N ASN B 194 -16.60 -5.16 23.41
CA ASN B 194 -15.31 -5.60 22.90
C ASN B 194 -14.85 -4.85 21.65
N PRO B 195 -14.91 -3.52 21.63
CA PRO B 195 -14.32 -2.80 20.50
C PRO B 195 -12.86 -3.12 20.42
N PRO B 196 -12.26 -3.12 19.22
CA PRO B 196 -10.83 -3.36 19.11
C PRO B 196 -10.04 -2.45 20.04
N VAL B 197 -9.04 -3.02 20.70
CA VAL B 197 -8.08 -2.26 21.49
C VAL B 197 -6.87 -2.04 20.60
N SER B 198 -6.59 -0.78 20.28
CA SER B 198 -5.62 -0.46 19.24
C SER B 198 -4.26 -0.04 19.79
N PHE B 199 -4.14 0.14 21.09
CA PHE B 199 -2.86 0.50 21.67
C PHE B 199 -2.96 0.31 23.16
N VAL B 200 -1.85 -0.08 23.77
CA VAL B 200 -1.79 -0.11 25.22
CA VAL B 200 -1.78 -0.11 25.23
C VAL B 200 -0.34 0.12 25.65
N LYS B 201 -0.17 0.71 26.84
CA LYS B 201 1.14 0.85 27.44
C LYS B 201 1.00 1.13 28.94
N PHE B 202 2.02 0.72 29.67
CA PHE B 202 2.10 1.03 31.10
C PHE B 202 2.48 2.49 31.31
N SER B 203 2.00 3.08 32.41
CA SER B 203 2.47 4.38 32.82
C SER B 203 3.92 4.29 33.29
N PRO B 204 4.62 5.41 33.34
CA PRO B 204 6.00 5.37 33.83
C PRO B 204 6.17 4.66 35.17
N ASN B 205 5.22 4.85 36.08
CA ASN B 205 5.19 4.25 37.40
C ASN B 205 4.74 2.80 37.40
N GLY B 206 4.37 2.26 36.24
CA GLY B 206 3.87 0.89 36.17
C GLY B 206 2.55 0.66 36.88
N LYS B 207 1.98 1.70 37.51
CA LYS B 207 0.73 1.48 38.25
C LYS B 207 -0.48 1.39 37.33
N TYR B 208 -0.45 2.08 36.21
CA TYR B 208 -1.61 2.23 35.35
C TYR B 208 -1.32 1.76 33.94
N ILE B 209 -2.38 1.48 33.21
CA ILE B 209 -2.31 1.16 31.79
C ILE B 209 -3.16 2.14 31.02
N LEU B 210 -2.60 2.71 29.96
CA LEU B 210 -3.31 3.60 29.04
C LEU B 210 -3.72 2.78 27.84
N ALA B 211 -5.01 2.71 27.56
CA ALA B 211 -5.48 1.91 26.43
C ALA B 211 -6.37 2.72 25.49
N ALA B 212 -6.15 2.51 24.20
CA ALA B 212 -6.89 3.13 23.12
C ALA B 212 -7.83 2.09 22.54
N THR B 213 -9.07 2.49 22.28
CA THR B 213 -10.01 1.63 21.60
C THR B 213 -10.54 2.35 20.37
N LEU B 214 -10.93 1.57 19.34
CA LEU B 214 -11.35 2.11 18.06
C LEU B 214 -12.78 2.60 18.09
N ASP B 215 -13.05 3.42 19.10
CA ASP B 215 -14.29 4.18 19.27
C ASP B 215 -13.99 5.58 19.77
N ASN B 216 -12.84 6.14 19.40
CA ASN B 216 -12.51 7.52 19.71
C ASN B 216 -12.33 7.72 21.22
N THR B 217 -11.75 6.73 21.89
CA THR B 217 -11.59 6.76 23.34
C THR B 217 -10.21 6.26 23.73
N LEU B 218 -9.59 6.98 24.67
CA LEU B 218 -8.45 6.53 25.46
C LEU B 218 -8.90 6.39 26.91
N LYS B 219 -8.38 5.38 27.61
CA LYS B 219 -8.73 5.17 29.01
C LYS B 219 -7.50 4.87 29.85
N LEU B 220 -7.51 5.35 31.09
CA LEU B 220 -6.47 5.08 32.06
C LEU B 220 -7.00 4.06 33.05
N TRP B 221 -6.35 2.91 33.14
CA TRP B 221 -6.79 1.81 33.99
C TRP B 221 -5.84 1.62 35.16
N ASP B 222 -6.43 1.43 36.34
CA ASP B 222 -5.68 0.97 37.51
C ASP B 222 -5.44 -0.51 37.30
N TYR B 223 -4.19 -0.89 37.02
CA TYR B 223 -3.88 -2.30 36.80
C TYR B 223 -4.24 -3.14 38.03
N SER B 224 -3.77 -2.74 39.21
CA SER B 224 -4.01 -3.53 40.43
C SER B 224 -5.50 -3.76 40.66
N LYS B 225 -6.30 -2.70 40.58
CA LYS B 225 -7.73 -2.76 40.88
C LYS B 225 -8.60 -3.19 39.70
N GLY B 226 -8.08 -3.11 38.48
CA GLY B 226 -8.87 -3.48 37.32
C GLY B 226 -9.99 -2.54 36.97
N LYS B 227 -9.84 -1.24 37.28
CA LYS B 227 -10.90 -0.25 37.14
C LYS B 227 -10.42 0.92 36.27
N CYS B 228 -11.33 1.46 35.48
CA CYS B 228 -11.03 2.62 34.66
C CYS B 228 -11.11 3.88 35.53
N LEU B 229 -10.01 4.62 35.59
CA LEU B 229 -9.91 5.85 36.38
C LEU B 229 -10.25 7.11 35.58
N LYS B 230 -9.94 7.11 34.30
CA LYS B 230 -10.06 8.31 33.50
C LYS B 230 -10.35 7.91 32.06
N THR B 231 -11.08 8.77 31.35
CA THR B 231 -11.27 8.64 29.92
C THR B 231 -10.91 9.98 29.29
N TYR B 232 -10.36 9.89 28.09
CA TYR B 232 -9.95 11.04 27.29
C TYR B 232 -10.61 10.93 25.92
N THR B 233 -11.35 11.95 25.55
CA THR B 233 -12.12 11.95 24.32
C THR B 233 -12.00 13.31 23.64
N GLY B 234 -12.56 13.39 22.45
CA GLY B 234 -12.53 14.58 21.62
C GLY B 234 -11.78 14.38 20.32
N HIS B 235 -10.92 13.39 20.24
CA HIS B 235 -10.17 13.08 19.03
C HIS B 235 -10.90 12.06 18.19
N LYS B 236 -10.28 11.65 17.08
CA LYS B 236 -10.88 10.70 16.15
C LYS B 236 -9.96 9.48 16.00
N ASN B 237 -10.49 8.30 16.30
CA ASN B 237 -9.69 7.07 16.22
C ASN B 237 -10.67 5.90 16.15
N GLU B 238 -10.99 5.52 14.92
CA GLU B 238 -11.86 4.39 14.64
C GLU B 238 -11.22 3.40 13.67
N LYS B 239 -10.03 3.73 13.13
CA LYS B 239 -9.49 2.99 11.99
C LYS B 239 -8.05 2.51 12.14
N TYR B 240 -7.20 3.28 12.82
CA TYR B 240 -5.78 2.98 12.87
C TYR B 240 -5.30 2.77 14.31
N CYS B 241 -4.21 2.02 14.43
CA CYS B 241 -3.55 1.78 15.73
C CYS B 241 -2.56 2.94 15.95
N ILE B 242 -3.05 3.94 16.68
CA ILE B 242 -2.38 5.20 16.93
C ILE B 242 -1.71 5.09 18.29
N PHE B 243 -0.43 5.46 18.38
CA PHE B 243 0.25 5.46 19.66
C PHE B 243 -0.31 6.56 20.57
N ALA B 244 -0.20 6.34 21.87
CA ALA B 244 -0.52 7.35 22.88
C ALA B 244 0.59 7.35 23.92
N ASN B 245 0.65 8.44 24.69
CA ASN B 245 1.80 8.66 25.55
C ASN B 245 1.43 9.37 26.84
N PHE B 246 2.21 9.10 27.89
CA PHE B 246 2.27 9.94 29.08
C PHE B 246 3.37 10.97 28.86
N SER B 247 3.07 12.24 29.06
CA SER B 247 4.10 13.29 29.05
C SER B 247 4.34 13.71 30.48
N VAL B 248 5.60 13.64 30.93
CA VAL B 248 5.92 13.76 32.34
C VAL B 248 7.02 14.77 32.63
N THR B 249 7.57 15.44 31.61
CA THR B 249 8.72 16.31 31.84
C THR B 249 8.32 17.69 32.33
N GLY B 250 7.11 18.14 32.01
CA GLY B 250 6.56 19.38 32.51
C GLY B 250 5.20 19.10 33.13
N GLY B 251 4.14 19.69 32.63
CA GLY B 251 2.81 19.26 33.04
C GLY B 251 2.57 17.80 32.75
N LYS B 252 1.65 17.19 33.51
CA LYS B 252 1.31 15.77 33.33
C LYS B 252 0.17 15.66 32.33
N TRP B 253 0.52 15.28 31.10
CA TRP B 253 -0.42 15.25 30.00
C TRP B 253 -0.55 13.82 29.48
N ILE B 254 -1.63 13.61 28.73
CA ILE B 254 -1.77 12.46 27.83
C ILE B 254 -1.69 13.03 26.42
N VAL B 255 -0.94 12.34 25.54
CA VAL B 255 -0.67 12.83 24.19
C VAL B 255 -1.07 11.73 23.20
N SER B 256 -1.75 12.10 22.13
CA SER B 256 -2.12 11.10 21.13
C SER B 256 -2.26 11.75 19.77
N GLY B 257 -1.96 10.99 18.73
CA GLY B 257 -2.39 11.36 17.38
C GLY B 257 -3.89 11.15 17.20
N SER B 258 -4.34 11.48 16.00
CA SER B 258 -5.76 11.46 15.70
C SER B 258 -5.94 11.35 14.20
N GLU B 259 -7.12 10.84 13.80
CA GLU B 259 -7.45 10.67 12.40
C GLU B 259 -7.98 11.93 11.75
N ASP B 260 -8.14 13.02 12.50
CA ASP B 260 -8.32 14.35 11.92
C ASP B 260 -7.02 15.12 11.77
N ASN B 261 -5.89 14.41 11.71
CA ASN B 261 -4.60 15.00 11.35
C ASN B 261 -4.02 15.90 12.42
N LEU B 262 -4.54 15.83 13.64
CA LEU B 262 -4.07 16.60 14.77
C LEU B 262 -3.39 15.76 15.84
N VAL B 263 -2.51 16.41 16.59
CA VAL B 263 -2.03 15.89 17.86
C VAL B 263 -2.91 16.49 18.95
N TYR B 264 -3.45 15.62 19.81
CA TYR B 264 -4.25 15.99 20.98
C TYR B 264 -3.42 15.84 22.25
N ILE B 265 -3.55 16.82 23.15
CA ILE B 265 -2.93 16.82 24.46
C ILE B 265 -4.01 17.08 25.48
N TRP B 266 -4.14 16.19 26.45
CA TRP B 266 -5.09 16.31 27.55
C TRP B 266 -4.36 16.48 28.87
N ASN B 267 -5.04 17.14 29.82
CA ASN B 267 -4.66 17.09 31.22
C ASN B 267 -4.96 15.70 31.79
N LEU B 268 -3.95 15.02 32.31
CA LEU B 268 -4.17 13.65 32.78
C LEU B 268 -5.25 13.61 33.86
N GLN B 269 -5.20 14.54 34.81
CA GLN B 269 -6.12 14.48 35.93
C GLN B 269 -7.53 14.96 35.60
N THR B 270 -7.67 16.08 34.87
CA THR B 270 -8.99 16.66 34.64
C THR B 270 -9.67 16.13 33.38
N LYS B 271 -8.90 15.50 32.49
CA LYS B 271 -9.34 14.95 31.21
C LYS B 271 -9.71 16.02 30.18
N GLU B 272 -9.45 17.30 30.47
CA GLU B 272 -9.70 18.37 29.52
C GLU B 272 -8.61 18.43 28.45
N ILE B 273 -9.02 18.66 27.21
CA ILE B 273 -8.08 18.93 26.13
C ILE B 273 -7.43 20.27 26.40
N VAL B 274 -6.11 20.30 26.38
CA VAL B 274 -5.37 21.54 26.65
C VAL B 274 -4.65 22.07 25.43
N GLN B 275 -4.37 21.25 24.41
CA GLN B 275 -3.82 21.76 23.17
C GLN B 275 -4.12 20.78 22.06
N LYS B 276 -4.25 21.30 20.85
CA LYS B 276 -4.31 20.52 19.61
C LYS B 276 -3.26 21.09 18.67
N LEU B 277 -2.40 20.23 18.14
CA LEU B 277 -1.31 20.67 17.28
C LEU B 277 -1.68 20.45 15.83
N GLN B 278 -1.73 21.55 15.07
CA GLN B 278 -2.11 21.55 13.67
C GLN B 278 -0.89 21.66 12.77
N GLY B 279 -0.91 20.93 11.66
CA GLY B 279 0.16 20.98 10.71
C GLY B 279 0.25 19.75 9.83
N HIS B 280 -0.02 18.55 10.38
CA HIS B 280 0.06 17.37 9.54
C HIS B 280 -1.10 17.36 8.54
N THR B 281 -0.89 16.66 7.43
CA THR B 281 -1.93 16.53 6.40
C THR B 281 -2.38 15.10 6.18
N ASP B 282 -2.16 14.24 7.16
CA ASP B 282 -2.78 12.92 7.16
C ASP B 282 -2.84 12.47 8.60
N VAL B 283 -3.38 11.27 8.78
CA VAL B 283 -3.51 10.68 10.12
C VAL B 283 -2.19 10.79 10.85
N VAL B 284 -2.24 11.26 12.10
CA VAL B 284 -1.05 11.26 12.94
C VAL B 284 -1.08 9.91 13.66
N ILE B 285 -0.31 8.98 13.10
CA ILE B 285 -0.30 7.60 13.58
C ILE B 285 0.54 7.47 14.83
N SER B 286 1.56 8.31 15.01
CA SER B 286 2.47 8.09 16.12
C SER B 286 2.91 9.44 16.70
N THR B 287 3.03 9.45 18.02
CA THR B 287 3.61 10.54 18.79
C THR B 287 4.55 9.92 19.81
N ALA B 288 5.56 10.69 20.19
CA ALA B 288 6.50 10.28 21.21
C ALA B 288 6.87 11.50 22.04
N CYS B 289 7.19 11.25 23.32
CA CYS B 289 7.52 12.31 24.28
C CYS B 289 8.97 12.14 24.69
N HIS B 290 9.71 13.22 24.64
CA HIS B 290 11.11 13.18 24.94
C HIS B 290 11.35 12.89 26.42
N PRO B 291 12.41 12.16 26.74
CA PRO B 291 12.60 11.74 28.14
C PRO B 291 12.96 12.86 29.11
N THR B 292 13.54 13.98 28.66
CA THR B 292 13.93 15.00 29.64
C THR B 292 13.41 16.39 29.32
N GLU B 293 13.26 16.72 28.03
CA GLU B 293 12.74 18.01 27.60
C GLU B 293 11.28 17.91 27.17
N ASN B 294 10.62 19.08 27.17
CA ASN B 294 9.22 19.21 26.73
C ASN B 294 9.21 19.29 25.21
N ILE B 295 9.36 18.11 24.59
CA ILE B 295 9.43 17.96 23.14
C ILE B 295 8.58 16.78 22.74
N ILE B 296 7.69 16.99 21.77
CA ILE B 296 6.88 15.94 21.16
C ILE B 296 7.34 15.72 19.71
N ALA B 297 7.45 14.46 19.33
CA ALA B 297 7.59 14.08 17.94
C ALA B 297 6.26 13.49 17.46
N SER B 298 5.83 13.87 16.27
CA SER B 298 4.65 13.28 15.67
C SER B 298 4.98 12.84 14.25
N ALA B 299 4.22 11.86 13.75
CA ALA B 299 4.43 11.37 12.41
C ALA B 299 3.10 10.94 11.80
N ALA B 300 3.05 11.02 10.47
CA ALA B 300 1.80 10.88 9.75
C ALA B 300 1.91 9.90 8.60
N LEU B 301 0.73 9.50 8.10
CA LEU B 301 0.61 8.46 7.10
C LEU B 301 0.83 8.98 5.67
N GLU B 302 0.40 8.20 4.67
CA GLU B 302 1.00 8.23 3.33
C GLU B 302 0.87 9.58 2.61
N ASN B 303 -0.17 10.35 2.87
CA ASN B 303 -0.31 11.60 2.13
C ASN B 303 0.47 12.74 2.79
N ASP B 304 1.20 12.45 3.88
CA ASP B 304 2.02 13.42 4.60
C ASP B 304 3.46 12.91 4.65
N LYS B 305 3.73 11.81 5.36
CA LYS B 305 5.02 11.12 5.31
C LYS B 305 6.10 11.90 6.04
N THR B 306 5.76 12.96 6.78
CA THR B 306 6.76 13.70 7.54
C THR B 306 6.62 13.46 9.04
N ILE B 307 7.68 13.86 9.74
CA ILE B 307 7.77 13.85 11.19
C ILE B 307 7.91 15.30 11.62
N LYS B 308 7.26 15.65 12.70
CA LYS B 308 7.33 17.00 13.23
C LYS B 308 7.81 16.99 14.66
N LEU B 309 8.68 17.95 14.99
CA LEU B 309 9.17 18.15 16.34
C LEU B 309 8.58 19.45 16.88
N TRP B 310 7.92 19.35 18.04
CA TRP B 310 7.22 20.44 18.71
C TRP B 310 7.84 20.63 20.09
N LYS B 311 7.96 21.89 20.54
CA LYS B 311 8.55 22.15 21.85
C LYS B 311 7.69 23.13 22.63
N SER B 312 7.65 22.91 23.93
CA SER B 312 6.87 23.69 24.88
C SER B 312 7.76 24.22 25.99
N ASP B 313 7.35 25.35 26.56
CA ASP B 313 7.97 25.92 27.76
C ASP B 313 7.59 25.18 29.03
N CYS B 314 6.56 24.34 28.98
CA CYS B 314 6.06 23.68 30.17
C CYS B 314 5.28 22.44 29.77
C ACE C 1 2.73 -1.57 7.47
O ACE C 1 2.18 -0.50 7.19
CH3 ACE C 1 4.23 -1.71 7.51
N CYS C 2 2.08 -2.67 7.81
CA CYS C 2 0.64 -2.72 7.80
C CYS C 2 -0.11 -1.85 8.80
N ARG C 3 0.60 -1.21 9.71
CA ARG C 3 0.00 -0.14 10.52
C ARG C 3 -0.57 1.00 9.66
N LYS C 4 -0.12 1.14 8.41
CA LYS C 4 -0.55 2.22 7.54
C LYS C 4 -1.92 1.99 6.92
N ARG C 5 -2.49 0.79 7.11
CA ARG C 5 -3.73 0.35 6.47
C ARG C 5 -4.89 0.36 7.45
N ASN C 6 -6.05 0.82 6.98
CA ASN C 6 -7.27 0.70 7.75
C ASN C 6 -7.84 -0.70 7.48
N ARG C 7 -7.96 -1.50 8.53
CA ARG C 7 -8.52 -2.82 8.37
C ARG C 7 -10.04 -2.76 8.39
N SER C 8 -10.67 -3.88 8.07
CA SER C 8 -12.12 -3.91 7.88
C SER C 8 -12.61 -5.31 7.53
C ACE D 1 -0.21 9.20 -15.69
O ACE D 1 0.68 9.22 -16.55
CH3 ACE D 1 -1.62 9.61 -16.03
N CYS D 2 -0.03 8.72 -14.50
CA CYS D 2 1.30 8.38 -14.01
C CYS D 2 1.90 7.16 -14.72
N ARG D 3 1.18 6.46 -15.59
CA ARG D 3 1.79 5.40 -16.48
C ARG D 3 2.88 5.94 -17.42
N LYS D 4 2.89 7.23 -17.73
CA LYS D 4 3.91 7.90 -18.57
C LYS D 4 5.24 8.15 -17.83
N ARG D 5 5.33 7.87 -16.53
CA ARG D 5 6.55 8.15 -15.79
C ARG D 5 7.30 6.87 -15.43
N ASN D 6 8.62 6.94 -15.45
CA ASN D 6 9.47 5.86 -14.97
C ASN D 6 9.52 5.95 -13.45
N ARG D 7 8.89 5.00 -12.76
CA ARG D 7 8.83 5.02 -11.31
C ARG D 7 10.09 4.41 -10.74
N SER D 8 10.74 5.15 -9.85
CA SER D 8 11.95 4.66 -9.18
C SER D 8 11.81 4.93 -7.69
#